data_1L6J
#
_entry.id   1L6J
#
_cell.length_a   123.685
_cell.length_b   123.685
_cell.length_c   89.937
_cell.angle_alpha   90.000
_cell.angle_beta   90.000
_cell.angle_gamma   120.000
#
_symmetry.space_group_name_H-M   'P 65'
#
loop_
_entity.id
_entity.type
_entity.pdbx_description
1 polymer 'Matrix metalloproteinase-9'
2 non-polymer 'ZINC ION'
3 non-polymer 'CALCIUM ION'
4 water water
#
_entity_poly.entity_id   1
_entity_poly.type   'polypeptide(L)'
_entity_poly.pdbx_seq_one_letter_code
;APRQRQSTLVLFPGDLRTNLTDRQLAEEYLYRYGYTRVAEMRGESKSLGPALLLLQKQLSLPETGELDSATLKAMRTPRC
GVPDLGRFQTFEGDLKWHHHNITYWIQNYSEDLPRAVIDDAFARAFALWSAVTPLTFTRVYSRDADIVIQFGVAEHGDGY
PFDGKDGLLAHAFPPGPGIQGDAHFDDDELWSLGKGVVVPTRFGNADGAACHFPFIFEGRSYSACTTDGRSDGLPWCSTT
ANYDTDDRFGFCPSERLYTRDGNADGKPCQFPFIFQGQSYSACTTDGRSDGYRWCATTANYDRDKLFGFCPTRADSTVMG
GNSAGELCVFPFTFLGKEYSTCTSEGRGDGRLWCATTSNFDSDKKWGFCPDQGYSLFLVAAHEFGHALGLDHSSVPEALM
YPMYRFTEGPPLHKDDVNGIRHLYG
;
_entity_poly.pdbx_strand_id   A
#
loop_
_chem_comp.id
_chem_comp.type
_chem_comp.name
_chem_comp.formula
CA non-polymer 'CALCIUM ION' 'Ca 2'
ZN non-polymer 'ZINC ION' 'Zn 2'
#
# COMPACT_ATOMS: atom_id res chain seq x y z
N VAL A 10 8.71 -20.51 -18.20
CA VAL A 10 9.92 -21.37 -18.05
C VAL A 10 10.60 -20.94 -16.71
N LEU A 11 11.87 -20.53 -16.68
CA LEU A 11 12.49 -20.16 -15.39
C LEU A 11 12.55 -18.65 -15.10
N PHE A 12 12.25 -18.29 -13.85
CA PHE A 12 12.26 -16.88 -13.38
C PHE A 12 13.41 -16.67 -12.38
N PRO A 13 14.60 -16.24 -12.85
CA PRO A 13 15.75 -16.02 -11.96
C PRO A 13 15.62 -14.83 -11.02
N GLY A 14 16.15 -14.97 -9.82
CA GLY A 14 16.07 -13.92 -8.81
C GLY A 14 14.86 -14.04 -7.91
N ASP A 15 13.99 -15.02 -8.24
CA ASP A 15 12.74 -15.33 -7.50
C ASP A 15 13.18 -16.11 -6.28
N LEU A 16 13.20 -15.49 -5.11
CA LEU A 16 13.68 -16.18 -3.92
C LEU A 16 12.65 -16.80 -2.99
N ARG A 17 12.83 -18.09 -2.76
CA ARG A 17 11.94 -18.84 -1.90
C ARG A 17 12.62 -19.30 -0.60
N THR A 18 12.43 -18.51 0.45
CA THR A 18 13.03 -18.85 1.74
C THR A 18 12.04 -18.67 2.89
N ASN A 19 10.77 -18.43 2.56
CA ASN A 19 9.73 -18.29 3.59
C ASN A 19 9.89 -19.44 4.62
N LEU A 20 9.89 -19.10 5.92
CA LEU A 20 10.03 -20.05 7.06
C LEU A 20 9.19 -21.31 7.04
N THR A 21 9.70 -22.38 7.69
CA THR A 21 8.98 -23.64 7.78
C THR A 21 7.90 -23.53 8.85
N ASP A 22 6.93 -24.45 8.86
CA ASP A 22 5.87 -24.40 9.86
C ASP A 22 6.31 -24.19 11.33
N ARG A 23 7.30 -24.96 11.78
CA ARG A 23 7.77 -24.86 13.17
C ARG A 23 8.47 -23.55 13.48
N GLN A 24 9.30 -23.06 12.57
CA GLN A 24 9.98 -21.80 12.80
C GLN A 24 8.96 -20.67 12.84
N LEU A 25 7.97 -20.75 11.97
CA LEU A 25 6.95 -19.75 11.86
C LEU A 25 6.22 -19.69 13.19
N ALA A 26 5.73 -20.84 13.65
CA ALA A 26 4.96 -20.88 14.87
C ALA A 26 5.76 -20.41 16.05
N GLU A 27 7.04 -20.76 16.05
CA GLU A 27 7.87 -20.37 17.17
C GLU A 27 7.98 -18.89 17.25
N GLU A 28 8.26 -18.26 16.11
CA GLU A 28 8.42 -16.80 16.08
C GLU A 28 7.15 -16.07 16.32
N TYR A 29 6.10 -16.53 15.66
CA TYR A 29 4.80 -15.89 15.77
C TYR A 29 4.34 -15.91 17.22
N LEU A 30 4.36 -17.08 17.86
CA LEU A 30 3.93 -17.21 19.27
C LEU A 30 4.84 -16.37 20.19
N TYR A 31 6.08 -16.17 19.80
CA TYR A 31 6.93 -15.39 20.64
C TYR A 31 6.59 -13.92 20.46
N ARG A 32 6.59 -13.47 19.21
CA ARG A 32 6.33 -12.08 18.88
C ARG A 32 5.02 -11.52 19.39
N TYR A 33 3.94 -12.30 19.35
CA TYR A 33 2.67 -11.76 19.77
C TYR A 33 2.34 -12.06 21.20
N GLY A 34 3.39 -12.36 21.96
CA GLY A 34 3.26 -12.60 23.39
C GLY A 34 2.69 -13.89 23.92
N TYR A 35 2.52 -14.92 23.11
CA TYR A 35 1.96 -16.17 23.60
C TYR A 35 2.90 -17.08 24.37
N THR A 36 4.18 -17.04 24.07
CA THR A 36 5.11 -17.91 24.76
C THR A 36 5.46 -17.34 26.13
N LEU A 48 4.69 -26.43 23.01
CA LEU A 48 3.95 -25.40 22.26
C LEU A 48 2.43 -25.42 22.33
N GLY A 49 1.84 -26.56 22.66
CA GLY A 49 0.39 -26.67 22.73
C GLY A 49 -0.36 -25.62 23.55
N PRO A 50 0.12 -25.29 24.77
CA PRO A 50 -0.52 -24.30 25.64
C PRO A 50 -0.61 -22.93 24.96
N ALA A 51 0.50 -22.54 24.32
CA ALA A 51 0.57 -21.28 23.59
C ALA A 51 -0.37 -21.32 22.39
N LEU A 52 -0.35 -22.41 21.63
CA LEU A 52 -1.21 -22.54 20.46
C LEU A 52 -2.66 -22.46 20.87
N LEU A 53 -2.97 -23.05 22.02
CA LEU A 53 -4.34 -23.07 22.49
C LEU A 53 -4.85 -21.66 22.76
N LEU A 54 -3.98 -20.83 23.33
CA LEU A 54 -4.31 -19.44 23.63
C LEU A 54 -4.49 -18.69 22.32
N LEU A 55 -3.57 -18.91 21.37
CA LEU A 55 -3.66 -18.29 20.05
C LEU A 55 -5.01 -18.63 19.40
N GLN A 56 -5.42 -19.88 19.44
CA GLN A 56 -6.67 -20.26 18.84
C GLN A 56 -7.86 -19.56 19.49
N LYS A 57 -7.76 -19.26 20.78
CA LYS A 57 -8.85 -18.55 21.44
C LYS A 57 -8.85 -17.13 20.98
N GLN A 58 -7.68 -16.48 20.99
CA GLN A 58 -7.63 -15.09 20.56
C GLN A 58 -8.17 -14.87 19.15
N LEU A 59 -7.96 -15.85 18.28
CA LEU A 59 -8.40 -15.75 16.91
C LEU A 59 -9.72 -16.42 16.60
N SER A 60 -10.29 -17.12 17.59
CA SER A 60 -11.54 -17.87 17.40
C SER A 60 -11.39 -19.01 16.39
N LEU A 61 -10.25 -19.70 16.48
CA LEU A 61 -9.99 -20.85 15.64
C LEU A 61 -10.32 -22.06 16.51
N PRO A 62 -10.51 -23.22 15.90
CA PRO A 62 -10.81 -24.45 16.65
C PRO A 62 -9.71 -24.62 17.72
N GLU A 63 -10.09 -24.81 18.97
CA GLU A 63 -9.08 -24.93 20.01
C GLU A 63 -8.50 -26.34 20.18
N THR A 64 -7.64 -26.68 19.23
CA THR A 64 -7.03 -27.98 19.16
C THR A 64 -5.69 -28.13 19.85
N GLY A 65 -5.04 -27.03 20.19
CA GLY A 65 -3.76 -27.15 20.82
C GLY A 65 -2.72 -27.77 19.90
N GLU A 66 -3.01 -27.85 18.60
CA GLU A 66 -2.05 -28.38 17.64
C GLU A 66 -1.79 -27.43 16.51
N LEU A 67 -0.57 -27.48 15.98
CA LEU A 67 -0.21 -26.65 14.85
C LEU A 67 -0.96 -27.23 13.65
N ASP A 68 -2.28 -27.05 13.59
CA ASP A 68 -3.03 -27.58 12.46
C ASP A 68 -3.02 -26.65 11.24
N SER A 69 -3.68 -27.06 10.17
CA SER A 69 -3.66 -26.24 8.97
C SER A 69 -4.42 -24.94 9.11
N ALA A 70 -5.41 -24.89 10.00
CA ALA A 70 -6.15 -23.65 10.20
C ALA A 70 -5.27 -22.66 10.96
N THR A 71 -4.53 -23.15 11.97
CA THR A 71 -3.64 -22.31 12.78
C THR A 71 -2.47 -21.78 11.96
N LEU A 72 -1.91 -22.64 11.13
CA LEU A 72 -0.80 -22.23 10.27
C LEU A 72 -1.29 -21.22 9.26
N LYS A 73 -2.46 -21.48 8.68
CA LYS A 73 -3.02 -20.55 7.72
C LYS A 73 -3.10 -19.17 8.38
N ALA A 74 -3.59 -19.11 9.62
CA ALA A 74 -3.64 -17.82 10.30
C ALA A 74 -2.24 -17.19 10.58
N MET A 75 -1.26 -17.97 11.06
CA MET A 75 0.04 -17.38 11.33
C MET A 75 0.61 -16.84 10.03
N ARG A 76 0.19 -17.44 8.94
CA ARG A 76 0.65 -17.04 7.62
C ARG A 76 -0.10 -15.85 7.04
N THR A 77 -1.12 -15.31 7.71
CA THR A 77 -1.83 -14.17 7.13
C THR A 77 -1.36 -12.85 7.74
N PRO A 78 -1.31 -11.78 6.93
CA PRO A 78 -0.88 -10.46 7.38
C PRO A 78 -1.70 -9.97 8.54
N ARG A 79 -1.03 -9.31 9.48
CA ARG A 79 -1.72 -8.87 10.68
C ARG A 79 -1.03 -7.67 11.31
N CYS A 80 -1.58 -7.24 12.42
CA CYS A 80 -1.08 -6.11 13.16
C CYS A 80 0.14 -6.55 13.99
N GLY A 81 1.13 -5.68 14.13
CA GLY A 81 2.33 -6.03 14.87
C GLY A 81 2.23 -5.83 16.38
N VAL A 82 1.07 -5.37 16.87
CA VAL A 82 0.86 -5.16 18.30
C VAL A 82 0.60 -6.55 18.91
N PRO A 83 1.28 -6.87 20.01
CA PRO A 83 1.15 -8.17 20.70
C PRO A 83 -0.28 -8.42 21.12
N ASP A 84 -0.71 -9.66 21.12
CA ASP A 84 -2.07 -9.97 21.53
C ASP A 84 -2.11 -10.10 23.03
N LEU A 85 -0.96 -10.45 23.61
CA LEU A 85 -0.80 -10.62 25.04
C LEU A 85 0.43 -9.85 25.40
N GLY A 86 0.40 -9.18 26.55
CA GLY A 86 1.54 -8.41 26.98
C GLY A 86 1.49 -7.08 26.26
N ARG A 87 2.53 -6.29 26.42
CA ARG A 87 2.58 -4.98 25.79
C ARG A 87 3.97 -4.83 25.18
N PHE A 88 4.19 -3.78 24.43
CA PHE A 88 5.51 -3.57 23.83
C PHE A 88 6.55 -3.24 24.92
N GLN A 89 6.13 -2.47 25.90
CA GLN A 89 6.99 -2.02 26.98
C GLN A 89 6.09 -1.55 28.10
N THR A 90 6.71 -1.01 29.15
CA THR A 90 5.96 -0.47 30.26
C THR A 90 5.45 0.86 29.74
N PHE A 91 4.16 1.16 29.95
CA PHE A 91 3.61 2.41 29.47
C PHE A 91 3.18 3.31 30.62
N GLU A 92 3.41 4.60 30.45
CA GLU A 92 3.07 5.58 31.47
C GLU A 92 1.61 5.95 31.41
N GLY A 93 0.94 5.89 32.55
CA GLY A 93 -0.46 6.27 32.61
C GLY A 93 -1.44 5.12 32.59
N ASP A 94 -2.73 5.48 32.66
CA ASP A 94 -3.81 4.50 32.65
C ASP A 94 -4.30 4.13 31.23
N LEU A 95 -3.54 4.54 30.23
CA LEU A 95 -3.76 4.23 28.83
C LEU A 95 -5.15 4.55 28.22
N LYS A 96 -5.67 5.74 28.57
CA LYS A 96 -6.93 6.24 28.05
C LYS A 96 -6.69 7.75 27.94
N TRP A 97 -7.07 8.38 26.84
CA TRP A 97 -6.88 9.82 26.72
C TRP A 97 -7.80 10.55 27.71
N HIS A 98 -7.33 11.66 28.30
CA HIS A 98 -8.22 12.34 29.23
C HIS A 98 -8.72 13.72 28.82
N HIS A 99 -8.53 14.03 27.55
CA HIS A 99 -9.02 15.26 26.98
C HIS A 99 -9.75 14.80 25.72
N HIS A 100 -10.84 15.45 25.36
CA HIS A 100 -11.62 14.99 24.24
C HIS A 100 -11.11 15.41 22.88
N ASN A 101 -10.43 16.53 22.79
CA ASN A 101 -9.93 16.85 21.49
C ASN A 101 -8.54 16.33 21.32
N ILE A 102 -8.41 15.31 20.48
CA ILE A 102 -7.14 14.69 20.21
C ILE A 102 -6.47 15.25 18.96
N THR A 103 -5.19 15.52 19.04
CA THR A 103 -4.46 16.06 17.89
C THR A 103 -3.57 14.98 17.22
N TYR A 104 -3.48 15.03 15.89
CA TYR A 104 -2.62 14.09 15.21
C TYR A 104 -1.76 14.77 14.19
N TRP A 105 -0.56 14.24 14.02
CA TRP A 105 0.36 14.79 13.07
C TRP A 105 0.83 13.74 12.08
N ILE A 106 0.63 14.00 10.79
CA ILE A 106 1.09 13.09 9.75
C ILE A 106 2.53 13.50 9.43
N GLN A 107 3.55 12.80 9.94
CA GLN A 107 4.91 13.24 9.65
C GLN A 107 5.50 12.81 8.33
N ASN A 108 4.97 11.80 7.68
CA ASN A 108 5.54 11.50 6.41
C ASN A 108 4.55 10.72 5.62
N TYR A 109 4.80 10.67 4.33
CA TYR A 109 3.92 10.01 3.39
C TYR A 109 4.54 8.82 2.67
N SER A 110 3.70 7.92 2.24
CA SER A 110 4.16 6.77 1.47
C SER A 110 4.00 7.23 0.02
N GLU A 111 4.88 6.79 -0.87
CA GLU A 111 4.77 7.20 -2.27
C GLU A 111 3.80 6.37 -3.08
N ASP A 112 3.25 5.31 -2.48
CA ASP A 112 2.31 4.44 -3.18
C ASP A 112 0.96 5.08 -3.46
N LEU A 113 0.68 6.15 -2.73
CA LEU A 113 -0.59 6.85 -2.78
C LEU A 113 -0.47 8.35 -2.85
N PRO A 114 -1.47 8.97 -3.47
CA PRO A 114 -1.54 10.43 -3.62
C PRO A 114 -1.65 10.97 -2.19
N ARG A 115 -0.84 11.95 -1.84
CA ARG A 115 -0.90 12.47 -0.48
C ARG A 115 -2.29 12.79 0.03
N ALA A 116 -3.17 13.22 -0.88
CA ALA A 116 -4.54 13.58 -0.50
C ALA A 116 -5.31 12.34 -0.08
N VAL A 117 -5.14 11.24 -0.83
CA VAL A 117 -5.82 10.00 -0.47
C VAL A 117 -5.36 9.56 0.95
N ILE A 118 -4.08 9.75 1.25
CA ILE A 118 -3.55 9.42 2.55
C ILE A 118 -4.23 10.28 3.61
N ASP A 119 -4.22 11.61 3.43
CA ASP A 119 -4.83 12.51 4.39
C ASP A 119 -6.28 12.12 4.65
N ASP A 120 -6.98 11.81 3.57
CA ASP A 120 -8.37 11.45 3.65
C ASP A 120 -8.61 10.09 4.32
N ALA A 121 -7.79 9.09 3.99
CA ALA A 121 -7.94 7.77 4.59
C ALA A 121 -7.80 7.90 6.13
N PHE A 122 -6.79 8.66 6.58
CA PHE A 122 -6.58 8.84 8.01
C PHE A 122 -7.74 9.59 8.64
N ALA A 123 -8.20 10.65 7.97
CA ALA A 123 -9.32 11.43 8.49
C ALA A 123 -10.53 10.53 8.65
N ARG A 124 -10.77 9.70 7.65
CA ARG A 124 -11.91 8.79 7.71
C ARG A 124 -11.74 7.73 8.81
N ALA A 125 -10.52 7.23 9.00
CA ALA A 125 -10.23 6.22 10.02
C ALA A 125 -10.55 6.84 11.39
N PHE A 126 -10.17 8.11 11.58
CA PHE A 126 -10.46 8.80 12.85
C PHE A 126 -11.99 9.03 13.07
N ALA A 127 -12.69 9.27 11.97
CA ALA A 127 -14.11 9.55 11.98
C ALA A 127 -14.92 8.33 12.42
N LEU A 128 -14.45 7.15 12.10
CA LEU A 128 -15.14 5.96 12.54
C LEU A 128 -15.25 6.02 14.09
N TRP A 129 -14.22 6.57 14.77
CA TRP A 129 -14.20 6.62 16.23
C TRP A 129 -14.78 7.90 16.86
N SER A 130 -14.59 9.05 16.22
CA SER A 130 -15.16 10.26 16.81
C SER A 130 -16.68 10.12 16.72
N ALA A 131 -17.12 9.29 15.79
CA ALA A 131 -18.53 9.06 15.63
C ALA A 131 -19.19 8.44 16.85
N VAL A 132 -18.58 7.42 17.45
CA VAL A 132 -19.23 6.73 18.56
C VAL A 132 -18.67 7.02 19.93
N THR A 133 -18.07 8.20 20.06
CA THR A 133 -17.48 8.65 21.31
C THR A 133 -17.49 10.19 21.36
N PRO A 134 -17.15 10.76 22.51
CA PRO A 134 -17.13 12.22 22.61
C PRO A 134 -15.81 12.79 22.04
N LEU A 135 -14.94 11.93 21.53
CA LEU A 135 -13.67 12.41 21.00
C LEU A 135 -13.82 13.08 19.67
N THR A 136 -12.84 13.91 19.35
CA THR A 136 -12.78 14.57 18.05
C THR A 136 -11.29 14.57 17.72
N PHE A 137 -10.97 14.66 16.45
CA PHE A 137 -9.56 14.60 16.07
C PHE A 137 -9.23 15.78 15.19
N THR A 138 -8.19 16.53 15.53
CA THR A 138 -7.88 17.58 14.61
C THR A 138 -6.43 17.50 14.17
N ARG A 139 -6.23 17.60 12.86
CA ARG A 139 -4.92 17.56 12.24
C ARG A 139 -4.04 18.73 12.68
N VAL A 140 -2.80 18.43 13.04
CA VAL A 140 -1.82 19.39 13.54
C VAL A 140 -0.48 19.20 12.80
N TYR A 141 0.47 20.11 12.95
CA TYR A 141 1.72 19.93 12.18
C TYR A 141 3.03 19.94 12.95
N SER A 142 3.02 19.41 14.17
CA SER A 142 4.22 19.37 14.99
C SER A 142 4.28 18.11 15.83
N ARG A 143 5.47 17.79 16.33
CA ARG A 143 5.68 16.61 17.19
C ARG A 143 4.80 16.82 18.43
N ASP A 144 4.14 17.97 18.44
CA ASP A 144 3.26 18.36 19.52
C ASP A 144 2.03 17.47 19.65
N ALA A 145 1.56 16.97 18.51
CA ALA A 145 0.39 16.11 18.44
C ALA A 145 0.31 15.02 19.50
N ASP A 146 -0.92 14.66 19.88
CA ASP A 146 -1.15 13.59 20.83
C ASP A 146 -0.80 12.27 20.08
N ILE A 147 -1.14 12.24 18.80
CA ILE A 147 -0.89 11.08 17.97
C ILE A 147 -0.01 11.45 16.79
N VAL A 148 1.19 10.87 16.73
CA VAL A 148 2.06 11.10 15.60
C VAL A 148 1.99 9.89 14.67
N ILE A 149 1.67 10.16 13.39
CA ILE A 149 1.50 9.16 12.35
C ILE A 149 2.72 9.15 11.43
N GLN A 150 3.23 7.97 11.13
CA GLN A 150 4.44 7.86 10.37
C GLN A 150 4.60 6.58 9.60
N PHE A 151 5.19 6.67 8.41
CA PHE A 151 5.47 5.52 7.54
C PHE A 151 6.95 5.24 7.76
N GLY A 152 7.32 3.98 7.96
CA GLY A 152 8.70 3.64 8.24
C GLY A 152 9.00 2.32 7.61
N VAL A 153 10.28 1.95 7.50
CA VAL A 153 10.62 0.73 6.83
C VAL A 153 11.20 -0.48 7.55
N ALA A 154 12.17 -0.36 8.43
CA ALA A 154 12.55 -1.60 9.08
C ALA A 154 12.80 -1.17 10.48
N GLU A 155 14.00 -0.65 10.72
CA GLU A 155 14.38 -0.13 12.02
C GLU A 155 13.89 1.28 11.74
N HIS A 156 12.96 1.80 12.54
CA HIS A 156 12.52 3.15 12.18
C HIS A 156 12.44 4.15 13.31
N GLY A 157 13.12 3.85 14.41
CA GLY A 157 13.19 4.84 15.47
C GLY A 157 12.64 4.52 16.82
N ASP A 158 12.11 3.33 17.02
CA ASP A 158 11.53 3.05 18.31
C ASP A 158 11.89 1.69 18.84
N GLY A 159 12.76 0.98 18.16
CA GLY A 159 13.09 -0.31 18.70
C GLY A 159 12.11 -1.43 18.44
N TYR A 160 11.11 -1.20 17.60
CA TYR A 160 10.17 -2.27 17.24
C TYR A 160 10.19 -2.21 15.75
N PRO A 161 11.21 -2.81 15.13
CA PRO A 161 11.39 -2.84 13.70
C PRO A 161 10.36 -3.67 12.88
N PHE A 162 10.09 -3.22 11.66
CA PHE A 162 9.14 -3.91 10.81
C PHE A 162 9.84 -5.05 10.13
N ASP A 163 9.08 -5.92 9.48
CA ASP A 163 9.67 -7.11 8.90
C ASP A 163 9.73 -7.25 7.41
N GLY A 164 9.75 -6.14 6.70
CA GLY A 164 9.79 -6.24 5.26
C GLY A 164 8.39 -6.53 4.80
N LYS A 165 8.22 -6.90 3.54
CA LYS A 165 6.92 -7.16 2.97
C LYS A 165 6.10 -8.25 3.70
N ASP A 166 4.80 -8.00 3.83
CA ASP A 166 3.81 -8.91 4.41
C ASP A 166 3.80 -9.41 5.86
N GLY A 167 4.65 -8.97 6.75
CA GLY A 167 4.51 -9.61 8.06
C GLY A 167 3.41 -8.94 8.84
N LEU A 168 3.87 -8.06 9.73
CA LEU A 168 3.00 -7.25 10.52
C LEU A 168 2.88 -6.08 9.54
N LEU A 169 1.73 -5.39 9.51
CA LEU A 169 1.55 -4.30 8.57
C LEU A 169 1.76 -2.97 9.22
N ALA A 170 1.58 -2.91 10.54
CA ALA A 170 1.75 -1.67 11.28
C ALA A 170 1.62 -1.93 12.77
N HIS A 171 1.68 -0.86 13.54
CA HIS A 171 1.49 -0.97 14.98
C HIS A 171 1.31 0.43 15.53
N ALA A 172 0.89 0.50 16.77
CA ALA A 172 0.61 1.78 17.42
C ALA A 172 0.74 1.57 18.93
N PHE A 173 0.83 2.67 19.65
CA PHE A 173 0.98 2.59 21.09
C PHE A 173 -0.24 3.15 21.84
N PRO A 174 -0.48 2.64 23.06
CA PRO A 174 -1.65 3.15 23.81
C PRO A 174 -1.52 4.62 24.17
N PRO A 175 -2.65 5.22 24.57
CA PRO A 175 -2.69 6.65 24.96
C PRO A 175 -1.65 6.99 26.03
N GLY A 176 -1.04 8.14 25.90
CA GLY A 176 -0.05 8.51 26.88
C GLY A 176 0.87 9.54 26.29
N PRO A 177 1.94 9.92 27.02
CA PRO A 177 2.93 10.90 26.56
C PRO A 177 4.03 10.21 25.78
N GLY A 178 4.85 10.98 25.08
CA GLY A 178 5.94 10.39 24.33
C GLY A 178 5.47 9.72 23.05
N ILE A 179 6.01 8.54 22.79
CA ILE A 179 5.68 7.73 21.62
C ILE A 179 4.24 7.17 21.80
N GLN A 180 3.73 7.30 23.00
CA GLN A 180 2.39 6.81 23.24
C GLN A 180 1.36 7.56 22.39
N GLY A 181 0.40 6.79 21.88
CA GLY A 181 -0.65 7.34 21.04
C GLY A 181 -0.24 7.38 19.57
N ASP A 182 1.00 7.00 19.29
CA ASP A 182 1.52 7.03 17.93
C ASP A 182 1.15 5.82 17.11
N ALA A 183 1.19 6.01 15.78
CA ALA A 183 0.82 4.95 14.85
C ALA A 183 1.87 4.90 13.77
N HIS A 184 2.37 3.70 13.45
CA HIS A 184 3.36 3.52 12.40
C HIS A 184 2.94 2.52 11.35
N PHE A 185 3.16 2.85 10.10
CA PHE A 185 2.77 1.94 9.03
C PHE A 185 3.99 1.51 8.28
N ASP A 186 4.11 0.20 8.11
CA ASP A 186 5.25 -0.43 7.41
C ASP A 186 5.22 -0.13 5.90
N ASP A 187 6.10 0.75 5.47
CA ASP A 187 6.14 1.09 4.06
C ASP A 187 6.78 0.02 3.18
N ASP A 188 6.95 -1.19 3.69
CA ASP A 188 7.45 -2.21 2.77
C ASP A 188 6.21 -2.85 2.20
N GLU A 189 5.02 -2.47 2.65
CA GLU A 189 3.79 -3.01 2.06
C GLU A 189 3.34 -2.07 0.95
N LEU A 190 2.60 -2.58 -0.02
CA LEU A 190 2.06 -1.69 -1.03
C LEU A 190 0.80 -1.09 -0.34
N TRP A 191 0.80 0.21 -0.06
CA TRP A 191 -0.34 0.87 0.56
C TRP A 191 -1.33 1.32 -0.48
N SER A 192 -2.60 1.03 -0.24
CA SER A 192 -3.65 1.40 -1.16
C SER A 192 -4.94 1.49 -0.37
N LEU A 193 -6.06 1.27 -1.08
CA LEU A 193 -7.37 1.27 -0.48
C LEU A 193 -7.90 -0.15 -0.56
N GLY A 194 -6.97 -1.07 -0.77
CA GLY A 194 -7.32 -2.47 -0.79
C GLY A 194 -7.77 -3.12 -2.06
N LYS A 195 -7.86 -2.38 -3.16
CA LYS A 195 -8.31 -2.99 -4.38
C LYS A 195 -7.45 -2.74 -5.57
N GLY A 196 -6.14 -2.70 -5.31
CA GLY A 196 -5.16 -2.46 -6.37
C GLY A 196 -4.54 -1.11 -6.12
N VAL A 197 -3.49 -0.78 -6.86
CA VAL A 197 -2.82 0.51 -6.71
C VAL A 197 -3.81 1.66 -6.94
N VAL A 198 -3.85 2.68 -6.09
CA VAL A 198 -4.78 3.80 -6.29
C VAL A 198 -4.24 4.81 -7.33
N VAL A 199 -4.93 4.85 -8.46
CA VAL A 199 -4.57 5.70 -9.60
C VAL A 199 -5.71 6.65 -10.00
N PRO A 200 -5.59 7.92 -9.59
CA PRO A 200 -6.58 8.97 -9.90
C PRO A 200 -6.34 9.27 -11.36
N THR A 201 -7.41 9.45 -12.14
CA THR A 201 -7.20 9.70 -13.56
C THR A 201 -7.32 11.15 -13.97
N ARG A 202 -6.88 11.39 -15.19
CA ARG A 202 -6.89 12.71 -15.81
C ARG A 202 -7.65 12.61 -17.11
N PHE A 203 -8.39 13.67 -17.44
CA PHE A 203 -9.13 13.76 -18.69
C PHE A 203 -9.83 12.53 -19.21
N GLY A 204 -10.67 11.84 -18.50
CA GLY A 204 -11.25 10.76 -19.28
C GLY A 204 -12.61 11.32 -19.57
N ASN A 205 -13.59 10.63 -19.03
CA ASN A 205 -14.96 11.06 -19.09
C ASN A 205 -15.43 10.64 -17.70
N ALA A 206 -14.46 10.25 -16.86
CA ALA A 206 -14.72 9.76 -15.51
C ALA A 206 -14.47 10.73 -14.38
N ASP A 207 -14.40 12.01 -14.69
CA ASP A 207 -14.22 13.01 -13.65
C ASP A 207 -12.99 12.90 -12.79
N GLY A 208 -12.00 12.16 -13.24
CA GLY A 208 -10.81 12.04 -12.43
C GLY A 208 -10.92 10.88 -11.46
N ALA A 209 -12.01 10.11 -11.58
CA ALA A 209 -12.22 8.95 -10.73
C ALA A 209 -11.03 7.97 -10.86
N ALA A 210 -10.73 7.23 -9.79
CA ALA A 210 -9.62 6.29 -9.80
C ALA A 210 -9.84 5.03 -10.66
N CYS A 211 -8.74 4.46 -11.13
CA CYS A 211 -8.78 3.24 -11.93
C CYS A 211 -9.41 2.10 -11.13
N HIS A 212 -10.14 1.21 -11.81
CA HIS A 212 -10.77 0.05 -11.19
C HIS A 212 -9.96 -1.14 -11.68
N PHE A 213 -9.01 -1.59 -10.88
CA PHE A 213 -8.23 -2.75 -11.25
C PHE A 213 -8.89 -3.92 -10.52
N PRO A 214 -9.06 -5.07 -11.20
CA PRO A 214 -8.67 -5.32 -12.58
C PRO A 214 -9.84 -4.89 -13.47
N PHE A 215 -9.56 -4.50 -14.71
CA PHE A 215 -10.68 -4.11 -15.54
C PHE A 215 -10.67 -4.89 -16.86
N ILE A 216 -11.88 -5.07 -17.40
CA ILE A 216 -12.08 -5.79 -18.65
C ILE A 216 -12.25 -4.83 -19.85
N PHE A 217 -11.38 -5.01 -20.85
CA PHE A 217 -11.43 -4.19 -22.07
C PHE A 217 -11.28 -5.08 -23.28
N GLU A 218 -12.33 -5.15 -24.11
CA GLU A 218 -12.34 -5.97 -25.32
C GLU A 218 -12.00 -7.39 -24.90
N GLY A 219 -12.64 -7.88 -23.84
CA GLY A 219 -12.32 -9.21 -23.38
C GLY A 219 -11.27 -9.07 -22.30
N ARG A 220 -10.00 -9.28 -22.63
CA ARG A 220 -8.87 -9.20 -21.69
C ARG A 220 -9.08 -8.54 -20.32
N SER A 221 -8.37 -9.07 -19.33
CA SER A 221 -8.41 -8.51 -18.00
C SER A 221 -7.07 -7.77 -17.85
N TYR A 222 -7.14 -6.56 -17.31
CA TYR A 222 -5.96 -5.73 -17.10
C TYR A 222 -5.89 -5.46 -15.61
N SER A 223 -4.67 -5.50 -15.08
CA SER A 223 -4.47 -5.28 -13.67
C SER A 223 -3.60 -4.06 -13.50
N ALA A 224 -3.34 -3.41 -14.63
CA ALA A 224 -2.53 -2.20 -14.65
C ALA A 224 -3.16 -1.35 -15.76
N CYS A 225 -2.50 -0.26 -16.16
CA CYS A 225 -3.04 0.59 -17.22
C CYS A 225 -2.40 0.11 -18.51
N THR A 226 -3.09 0.30 -19.65
CA THR A 226 -2.54 -0.09 -20.95
C THR A 226 -2.59 1.02 -21.96
N THR A 227 -1.75 0.89 -22.96
CA THR A 227 -1.75 1.85 -24.02
C THR A 227 -2.38 1.10 -25.17
N ASP A 228 -2.83 -0.13 -24.96
CA ASP A 228 -3.41 -0.75 -26.12
C ASP A 228 -4.83 -0.20 -26.27
N GLY A 229 -5.33 -0.25 -27.50
CA GLY A 229 -6.63 0.31 -27.83
C GLY A 229 -6.38 1.77 -28.24
N ARG A 230 -5.11 2.15 -28.26
CA ARG A 230 -4.71 3.49 -28.61
C ARG A 230 -3.47 3.43 -29.50
N SER A 231 -3.10 4.58 -30.06
CA SER A 231 -1.93 4.68 -30.93
C SER A 231 -0.98 5.77 -30.43
N ASP A 232 -1.43 6.56 -29.46
CA ASP A 232 -0.58 7.62 -28.96
C ASP A 232 0.27 7.19 -27.77
N GLY A 233 0.17 5.94 -27.36
CA GLY A 233 0.96 5.47 -26.23
C GLY A 233 0.58 6.02 -24.85
N LEU A 234 -0.62 6.58 -24.71
CA LEU A 234 -1.05 7.12 -23.44
C LEU A 234 -1.65 5.99 -22.60
N PRO A 235 -1.09 5.74 -21.41
CA PRO A 235 -1.67 4.66 -20.62
C PRO A 235 -2.99 5.10 -19.99
N TRP A 236 -4.04 4.30 -20.15
CA TRP A 236 -5.33 4.62 -19.56
C TRP A 236 -5.84 3.39 -18.80
N CYS A 237 -7.04 3.52 -18.23
CA CYS A 237 -7.64 2.46 -17.45
C CYS A 237 -9.12 2.69 -17.32
N SER A 238 -9.89 1.62 -17.18
CA SER A 238 -11.32 1.78 -17.00
C SER A 238 -11.52 2.21 -15.55
N THR A 239 -12.58 2.96 -15.25
CA THR A 239 -12.83 3.32 -13.86
C THR A 239 -13.96 2.44 -13.26
N THR A 240 -14.27 1.35 -13.96
CA THR A 240 -15.22 0.35 -13.48
C THR A 240 -14.63 -1.02 -13.86
N ALA A 241 -15.26 -2.12 -13.41
CA ALA A 241 -14.73 -3.46 -13.68
C ALA A 241 -14.80 -3.89 -15.14
N ASN A 242 -15.80 -3.42 -15.86
CA ASN A 242 -15.88 -3.77 -17.27
C ASN A 242 -16.04 -2.48 -18.08
N TYR A 243 -15.03 -2.15 -18.88
CA TYR A 243 -15.11 -0.95 -19.70
C TYR A 243 -16.08 -1.22 -20.86
N ASP A 244 -15.92 -2.40 -21.46
CA ASP A 244 -16.73 -2.83 -22.58
C ASP A 244 -18.20 -2.54 -22.43
N THR A 245 -18.70 -2.65 -21.21
CA THR A 245 -20.11 -2.41 -20.98
C THR A 245 -20.41 -1.07 -20.34
N ASP A 246 -19.38 -0.40 -19.81
CA ASP A 246 -19.58 0.86 -19.10
C ASP A 246 -19.06 2.15 -19.79
N ASP A 247 -18.09 1.99 -20.68
CA ASP A 247 -17.50 3.12 -21.38
C ASP A 247 -16.96 4.25 -20.50
N ARG A 248 -16.68 3.97 -19.23
CA ARG A 248 -16.14 4.99 -18.35
C ARG A 248 -14.64 4.77 -18.11
N PHE A 249 -13.82 5.78 -18.38
CA PHE A 249 -12.38 5.67 -18.22
C PHE A 249 -11.65 7.01 -17.96
N GLY A 250 -10.35 6.94 -17.74
CA GLY A 250 -9.54 8.12 -17.49
C GLY A 250 -8.09 7.81 -17.85
N PHE A 251 -7.20 8.82 -17.93
CA PHE A 251 -5.83 8.49 -18.26
C PHE A 251 -4.95 8.38 -17.02
N CYS A 252 -4.01 7.44 -17.06
CA CYS A 252 -3.13 7.21 -15.94
C CYS A 252 -1.94 8.14 -15.98
N PRO A 253 -1.18 8.23 -14.88
CA PRO A 253 0.00 9.11 -14.85
C PRO A 253 0.96 8.84 -16.00
N SER A 254 1.17 9.84 -16.85
CA SER A 254 2.06 9.72 -17.99
C SER A 254 2.63 11.09 -18.36
N GLU A 255 3.94 11.13 -18.60
CA GLU A 255 4.56 12.39 -18.94
C GLU A 255 4.21 12.73 -20.38
N ARG A 256 3.51 11.82 -21.04
CA ARG A 256 3.08 12.01 -22.42
C ARG A 256 1.76 12.73 -22.44
N LEU A 257 1.17 12.88 -21.27
CA LEU A 257 -0.10 13.55 -21.20
C LEU A 257 0.04 14.79 -20.34
N TYR A 258 0.81 14.68 -19.27
CA TYR A 258 1.01 15.83 -18.38
C TYR A 258 2.30 15.73 -17.59
N THR A 259 2.64 16.81 -16.92
CA THR A 259 3.85 16.85 -16.10
C THR A 259 3.41 17.55 -14.81
N ARG A 260 4.12 17.36 -13.70
CA ARG A 260 3.69 18.08 -12.52
C ARG A 260 4.72 19.14 -12.07
N ASP A 261 4.18 20.20 -11.46
CA ASP A 261 4.96 21.33 -10.96
C ASP A 261 5.77 21.99 -12.08
N GLY A 262 7.02 22.34 -11.81
CA GLY A 262 7.82 22.97 -12.86
C GLY A 262 7.14 24.26 -13.26
N ASN A 263 7.41 24.74 -14.47
CA ASN A 263 6.84 26.00 -14.96
C ASN A 263 6.09 25.78 -16.26
N ALA A 264 5.97 24.52 -16.68
CA ALA A 264 5.31 24.20 -17.93
C ALA A 264 3.78 24.14 -17.84
N ASP A 265 3.25 24.33 -16.63
CA ASP A 265 1.81 24.32 -16.42
C ASP A 265 1.11 22.97 -16.68
N GLY A 266 1.82 21.86 -16.54
CA GLY A 266 1.21 20.58 -16.80
C GLY A 266 1.39 20.02 -18.20
N LYS A 267 1.84 20.82 -19.17
CA LYS A 267 1.97 20.31 -20.54
C LYS A 267 2.86 19.08 -20.61
N PRO A 268 2.54 18.14 -21.51
CA PRO A 268 3.33 16.92 -21.65
C PRO A 268 4.74 17.21 -22.11
N CYS A 269 5.64 16.27 -21.86
CA CYS A 269 7.02 16.42 -22.28
C CYS A 269 6.99 16.33 -23.81
N GLN A 270 8.07 16.79 -24.43
CA GLN A 270 8.20 16.66 -25.86
C GLN A 270 9.50 15.90 -26.07
N PHE A 271 9.40 14.79 -26.82
CA PHE A 271 10.59 13.99 -27.10
C PHE A 271 10.90 13.99 -28.61
N PRO A 272 12.17 14.25 -28.96
CA PRO A 272 13.23 14.53 -27.98
C PRO A 272 13.29 15.99 -27.64
N PHE A 273 14.11 16.32 -26.64
CA PHE A 273 14.25 17.70 -26.23
C PHE A 273 15.70 17.97 -25.91
N ILE A 274 16.18 19.16 -26.28
CA ILE A 274 17.57 19.54 -26.02
C ILE A 274 17.74 20.15 -24.63
N PHE A 275 18.84 19.76 -23.98
CA PHE A 275 19.19 20.24 -22.66
C PHE A 275 20.72 20.10 -22.57
N GLN A 276 21.40 21.18 -22.14
CA GLN A 276 22.85 21.18 -22.06
C GLN A 276 23.37 20.67 -23.40
N GLY A 277 22.77 21.15 -24.49
CA GLY A 277 23.20 20.72 -25.79
C GLY A 277 22.97 19.23 -26.05
N GLN A 278 22.47 18.51 -25.06
CA GLN A 278 22.24 17.08 -25.27
C GLN A 278 20.79 16.73 -25.59
N SER A 279 20.60 15.75 -26.46
CA SER A 279 19.27 15.33 -26.86
C SER A 279 18.76 14.13 -26.08
N TYR A 280 17.66 14.33 -25.35
CA TYR A 280 17.05 13.26 -24.55
C TYR A 280 15.80 12.75 -25.23
N SER A 281 15.47 11.49 -24.97
CA SER A 281 14.28 10.88 -25.53
C SER A 281 13.47 10.29 -24.38
N ALA A 282 13.82 10.68 -23.16
CA ALA A 282 13.12 10.20 -21.98
C ALA A 282 13.39 11.18 -20.85
N CYS A 283 12.62 11.10 -19.77
CA CYS A 283 12.83 12.01 -18.64
C CYS A 283 14.25 11.87 -18.11
N THR A 284 14.69 12.77 -17.25
CA THR A 284 16.07 12.69 -16.80
C THR A 284 16.32 13.38 -15.47
N THR A 285 17.45 13.07 -14.85
CA THR A 285 17.81 13.64 -13.56
C THR A 285 18.98 14.62 -13.66
N ASP A 286 19.73 14.51 -14.75
CA ASP A 286 20.87 15.39 -14.98
C ASP A 286 20.49 16.81 -14.57
N GLY A 287 21.22 17.36 -13.60
CA GLY A 287 20.94 18.71 -13.15
C GLY A 287 20.26 18.71 -11.79
N ARG A 288 20.01 17.51 -11.27
CA ARG A 288 19.37 17.35 -9.98
C ARG A 288 20.10 16.28 -9.18
N SER A 289 20.06 16.43 -7.86
CA SER A 289 20.70 15.47 -6.97
C SER A 289 19.61 14.62 -6.35
N ASP A 290 18.40 15.19 -6.29
CA ASP A 290 17.22 14.54 -5.72
C ASP A 290 16.50 13.54 -6.62
N GLY A 291 17.27 12.82 -7.44
CA GLY A 291 16.72 11.81 -8.34
C GLY A 291 15.30 11.99 -8.87
N TYR A 292 14.87 13.24 -9.06
CA TYR A 292 13.53 13.53 -9.59
C TYR A 292 13.57 13.56 -11.11
N ARG A 293 12.62 12.88 -11.74
CA ARG A 293 12.60 12.89 -13.18
C ARG A 293 11.86 14.12 -13.69
N TRP A 294 12.44 14.75 -14.70
CA TRP A 294 11.85 15.94 -15.32
C TRP A 294 12.14 15.90 -16.83
N CYS A 295 11.50 16.81 -17.55
CA CYS A 295 11.65 16.85 -19.01
C CYS A 295 11.25 18.25 -19.51
N ALA A 296 11.62 18.55 -20.74
CA ALA A 296 11.27 19.84 -21.32
C ALA A 296 9.93 19.66 -22.02
N THR A 297 9.13 20.70 -21.99
CA THR A 297 7.85 20.60 -22.62
C THR A 297 7.84 21.18 -24.03
N THR A 298 9.03 21.37 -24.57
CA THR A 298 9.28 21.88 -25.94
C THR A 298 10.51 21.14 -26.42
N ALA A 299 10.76 21.13 -27.72
CA ALA A 299 11.89 20.43 -28.29
C ALA A 299 13.28 20.96 -27.90
N ASN A 300 13.35 21.90 -26.96
CA ASN A 300 14.65 22.46 -26.61
C ASN A 300 14.56 23.31 -25.34
N TYR A 301 15.06 22.78 -24.23
CA TYR A 301 14.99 23.49 -22.96
C TYR A 301 15.86 24.71 -22.87
N ASP A 302 17.03 24.68 -23.50
CA ASP A 302 17.93 25.82 -23.42
C ASP A 302 17.31 27.08 -24.04
N ARG A 303 16.61 26.89 -25.16
CA ARG A 303 15.95 27.98 -25.87
C ARG A 303 14.66 28.47 -25.17
N ASP A 304 13.73 27.54 -24.92
CA ASP A 304 12.44 27.89 -24.31
C ASP A 304 12.36 27.85 -22.79
N LYS A 305 13.31 27.21 -22.14
CA LYS A 305 13.34 27.10 -20.67
C LYS A 305 11.97 26.73 -20.02
N LEU A 306 11.27 25.75 -20.61
CA LEU A 306 9.99 25.28 -20.06
C LEU A 306 10.17 23.81 -19.70
N PHE A 307 9.74 23.42 -18.50
CA PHE A 307 9.90 22.04 -18.09
C PHE A 307 8.89 21.63 -17.03
N GLY A 308 8.87 20.34 -16.73
CA GLY A 308 7.95 19.85 -15.72
C GLY A 308 8.46 18.52 -15.21
N PHE A 309 7.91 18.08 -14.08
CA PHE A 309 8.33 16.79 -13.54
C PHE A 309 7.46 15.62 -14.01
N CYS A 310 8.14 14.57 -14.44
CA CYS A 310 7.51 13.35 -14.92
C CYS A 310 6.76 12.61 -13.82
N PRO A 311 5.44 12.50 -13.95
CA PRO A 311 4.71 11.78 -12.90
C PRO A 311 5.19 10.33 -12.84
N THR A 312 5.10 9.76 -11.65
CA THR A 312 5.50 8.38 -11.38
C THR A 312 4.33 7.38 -11.63
N ARG A 313 4.63 6.25 -12.26
CA ARG A 313 3.63 5.22 -12.59
C ARG A 313 3.62 3.97 -11.68
N ALA A 314 2.91 4.07 -10.56
CA ALA A 314 2.81 2.96 -9.61
C ALA A 314 2.05 1.71 -10.09
N ASP A 315 1.12 1.86 -11.02
CA ASP A 315 0.36 0.72 -11.45
C ASP A 315 1.16 -0.33 -12.19
N SER A 316 2.31 0.05 -12.74
CA SER A 316 3.06 -0.94 -13.49
C SER A 316 4.52 -1.01 -13.13
N THR A 317 4.81 -0.68 -11.89
CA THR A 317 6.18 -0.77 -11.40
C THR A 317 6.28 -2.12 -10.68
N VAL A 318 7.17 -3.00 -11.15
CA VAL A 318 7.28 -4.32 -10.56
C VAL A 318 7.95 -4.34 -9.20
N MET A 319 7.62 -5.40 -8.46
CA MET A 319 8.18 -5.63 -7.14
C MET A 319 8.99 -6.93 -7.25
N GLY A 320 10.10 -6.98 -6.53
CA GLY A 320 10.88 -8.19 -6.54
C GLY A 320 11.51 -8.59 -7.86
N GLY A 321 11.47 -9.89 -8.16
CA GLY A 321 12.08 -10.41 -9.38
C GLY A 321 13.50 -9.88 -9.48
N ASN A 322 14.05 -9.82 -10.68
CA ASN A 322 15.40 -9.31 -10.86
C ASN A 322 15.37 -7.86 -11.35
N SER A 323 14.23 -7.20 -11.19
CA SER A 323 14.06 -5.82 -11.64
C SER A 323 13.18 -4.95 -10.72
N ALA A 324 13.15 -5.24 -9.42
CA ALA A 324 12.29 -4.45 -8.54
C ALA A 324 12.50 -2.99 -8.91
N GLY A 325 11.42 -2.20 -8.90
CA GLY A 325 11.54 -0.80 -9.25
C GLY A 325 11.29 -0.38 -10.68
N GLU A 326 11.65 -1.24 -11.64
CA GLU A 326 11.45 -0.98 -13.07
C GLU A 326 9.99 -1.15 -13.54
N LEU A 327 9.70 -0.68 -14.75
CA LEU A 327 8.36 -0.74 -15.31
C LEU A 327 8.11 -1.91 -16.28
N CYS A 328 6.91 -2.47 -16.22
CA CYS A 328 6.53 -3.53 -17.13
C CYS A 328 6.70 -2.92 -18.50
N VAL A 329 7.08 -3.75 -19.47
CA VAL A 329 7.25 -3.34 -20.85
C VAL A 329 6.28 -4.18 -21.63
N PHE A 330 5.30 -3.53 -22.25
CA PHE A 330 4.31 -4.25 -23.05
C PHE A 330 4.39 -3.70 -24.49
N PRO A 331 4.32 -4.59 -25.48
CA PRO A 331 4.16 -6.03 -25.24
C PRO A 331 5.54 -6.65 -24.94
N PHE A 332 5.54 -7.83 -24.32
CA PHE A 332 6.78 -8.53 -24.02
C PHE A 332 6.58 -9.97 -24.47
N THR A 333 7.65 -10.56 -25.00
CA THR A 333 7.61 -11.93 -25.51
C THR A 333 7.87 -13.01 -24.47
N PHE A 334 6.92 -13.91 -24.30
CA PHE A 334 7.09 -15.01 -23.37
C PHE A 334 6.78 -16.32 -24.10
N LEU A 335 7.83 -17.13 -24.28
CA LEU A 335 7.67 -18.40 -24.97
C LEU A 335 7.19 -18.10 -26.37
N GLY A 336 7.91 -17.21 -27.06
CA GLY A 336 7.57 -16.83 -28.42
C GLY A 336 6.28 -16.05 -28.61
N LYS A 337 5.39 -16.14 -27.64
CA LYS A 337 4.08 -15.47 -27.66
C LYS A 337 4.27 -14.02 -27.19
N GLU A 338 3.28 -13.16 -27.47
CA GLU A 338 3.30 -11.74 -27.07
C GLU A 338 2.31 -11.50 -25.92
N TYR A 339 2.75 -10.81 -24.87
CA TYR A 339 1.90 -10.48 -23.72
C TYR A 339 1.83 -8.96 -23.64
N SER A 340 0.63 -8.45 -23.36
CA SER A 340 0.42 -7.00 -23.32
C SER A 340 -0.21 -6.52 -22.02
N THR A 341 -0.31 -7.42 -21.06
CA THR A 341 -0.86 -7.12 -19.75
C THR A 341 -0.08 -7.98 -18.77
N CYS A 342 -0.11 -7.71 -17.47
CA CYS A 342 0.62 -8.60 -16.57
C CYS A 342 0.00 -9.99 -16.77
N THR A 343 0.79 -11.03 -16.49
CA THR A 343 0.35 -12.41 -16.68
C THR A 343 0.76 -13.31 -15.51
N SER A 344 0.24 -14.54 -15.52
CA SER A 344 0.56 -15.55 -14.50
C SER A 344 0.99 -16.77 -15.29
N GLU A 345 1.07 -16.59 -16.59
CA GLU A 345 1.51 -17.63 -17.51
C GLU A 345 2.94 -17.96 -17.07
N GLY A 346 3.24 -19.26 -16.95
CA GLY A 346 4.56 -19.67 -16.54
C GLY A 346 4.62 -19.89 -15.05
N ARG A 347 3.55 -19.59 -14.34
CA ARG A 347 3.54 -19.82 -12.91
C ARG A 347 2.37 -20.70 -12.45
N GLY A 348 2.57 -21.43 -11.37
CA GLY A 348 1.53 -22.30 -10.88
C GLY A 348 0.87 -21.68 -9.68
N ASP A 349 1.49 -20.65 -9.12
CA ASP A 349 0.93 -19.98 -7.95
C ASP A 349 -0.02 -18.85 -8.37
N GLY A 350 -0.28 -18.80 -9.68
CA GLY A 350 -1.18 -17.81 -10.25
C GLY A 350 -0.81 -16.34 -10.18
N ARG A 351 0.16 -16.01 -9.32
CA ARG A 351 0.61 -14.62 -9.15
C ARG A 351 0.95 -13.90 -10.49
N LEU A 352 0.82 -12.57 -10.49
CA LEU A 352 1.07 -11.75 -11.69
C LEU A 352 2.48 -11.18 -11.77
N TRP A 353 3.07 -11.26 -12.96
CA TRP A 353 4.42 -10.73 -13.17
C TRP A 353 4.42 -10.13 -14.56
N CYS A 354 5.51 -9.45 -14.92
CA CYS A 354 5.63 -8.93 -16.28
C CYS A 354 7.09 -8.85 -16.56
N ALA A 355 7.45 -8.78 -17.83
CA ALA A 355 8.85 -8.68 -18.22
C ALA A 355 9.18 -7.19 -18.19
N THR A 356 10.41 -6.85 -17.87
CA THR A 356 10.78 -5.44 -17.86
C THR A 356 11.61 -5.09 -19.11
N THR A 357 11.42 -5.86 -20.17
CA THR A 357 12.05 -5.58 -21.47
C THR A 357 11.07 -6.25 -22.43
N SER A 358 11.09 -5.87 -23.69
CA SER A 358 10.16 -6.42 -24.67
C SER A 358 10.33 -7.92 -24.91
N ASN A 359 11.52 -8.45 -24.66
CA ASN A 359 11.73 -9.88 -24.87
C ASN A 359 12.28 -10.55 -23.61
N PHE A 360 11.42 -11.38 -23.00
CA PHE A 360 11.75 -12.12 -21.78
C PHE A 360 12.50 -13.42 -22.07
N ASP A 361 12.21 -14.00 -23.23
CA ASP A 361 12.81 -15.25 -23.65
C ASP A 361 14.32 -15.12 -23.73
N SER A 362 14.79 -13.92 -24.00
CA SER A 362 16.22 -13.73 -24.09
C SER A 362 16.78 -12.96 -22.90
N ASP A 363 16.03 -11.97 -22.44
CA ASP A 363 16.49 -11.12 -21.34
C ASP A 363 16.24 -11.60 -19.93
N LYS A 364 15.15 -12.33 -19.74
CA LYS A 364 14.81 -12.85 -18.41
C LYS A 364 14.73 -11.76 -17.36
N LYS A 365 14.38 -10.54 -17.75
CA LYS A 365 14.24 -9.41 -16.82
C LYS A 365 12.76 -9.30 -16.45
N TRP A 366 12.45 -9.45 -15.17
CA TRP A 366 11.07 -9.44 -14.78
C TRP A 366 10.85 -8.97 -13.36
N GLY A 367 9.58 -8.86 -12.97
CA GLY A 367 9.26 -8.45 -11.63
C GLY A 367 7.80 -8.83 -11.42
N PHE A 368 7.31 -8.75 -10.19
CA PHE A 368 5.90 -9.07 -9.90
C PHE A 368 5.18 -7.76 -10.00
N CYS A 369 3.98 -7.82 -10.55
CA CYS A 369 3.16 -6.63 -10.70
C CYS A 369 2.45 -6.33 -9.39
N PRO A 370 2.15 -5.04 -9.14
CA PRO A 370 1.44 -4.60 -7.93
C PRO A 370 0.20 -5.47 -7.73
N ASP A 371 -0.09 -5.79 -6.48
CA ASP A 371 -1.22 -6.62 -6.05
C ASP A 371 -2.36 -5.69 -5.62
N GLN A 372 -3.27 -6.14 -4.77
CA GLN A 372 -4.33 -5.27 -4.28
C GLN A 372 -3.75 -4.25 -3.30
N GLY A 373 -2.63 -4.61 -2.67
CA GLY A 373 -2.04 -3.75 -1.66
C GLY A 373 -2.90 -3.82 -0.40
N TYR A 374 -2.51 -3.12 0.67
CA TYR A 374 -3.29 -3.11 1.90
C TYR A 374 -3.99 -1.78 2.07
N SER A 375 -5.27 -1.83 2.43
CA SER A 375 -6.07 -0.64 2.66
C SER A 375 -5.51 0.21 3.77
N LEU A 376 -4.98 1.38 3.42
CA LEU A 376 -4.43 2.29 4.41
C LEU A 376 -5.53 2.66 5.40
N PHE A 377 -6.74 2.78 4.84
CA PHE A 377 -7.93 3.10 5.62
C PHE A 377 -8.23 2.08 6.73
N LEU A 378 -8.43 0.83 6.35
CA LEU A 378 -8.75 -0.24 7.29
C LEU A 378 -7.64 -0.38 8.32
N VAL A 379 -6.40 -0.53 7.87
CA VAL A 379 -5.33 -0.66 8.81
C VAL A 379 -5.26 0.52 9.73
N ALA A 380 -5.34 1.75 9.21
CA ALA A 380 -5.27 2.93 10.08
C ALA A 380 -6.39 2.94 11.11
N ALA A 381 -7.60 2.58 10.71
CA ALA A 381 -8.72 2.59 11.66
C ALA A 381 -8.42 1.57 12.77
N HIS A 382 -7.86 0.44 12.39
CA HIS A 382 -7.48 -0.57 13.36
C HIS A 382 -6.41 -0.01 14.32
N GLU A 383 -5.34 0.57 13.77
CA GLU A 383 -4.27 1.10 14.60
C GLU A 383 -4.82 2.26 15.47
N PHE A 384 -5.63 3.15 14.89
CA PHE A 384 -6.15 4.22 15.73
C PHE A 384 -6.95 3.62 16.92
N GLY A 385 -7.49 2.42 16.75
CA GLY A 385 -8.19 1.78 17.86
C GLY A 385 -7.17 1.63 19.00
N HIS A 386 -5.93 1.25 18.68
CA HIS A 386 -4.92 1.12 19.73
C HIS A 386 -4.53 2.48 20.26
N ALA A 387 -4.32 3.45 19.37
CA ALA A 387 -3.90 4.77 19.84
C ALA A 387 -4.98 5.39 20.77
N LEU A 388 -6.16 4.75 20.84
CA LEU A 388 -7.23 5.24 21.70
C LEU A 388 -7.36 4.43 22.99
N GLY A 389 -6.67 3.28 23.05
CA GLY A 389 -6.71 2.44 24.23
C GLY A 389 -7.25 1.02 24.06
N LEU A 390 -7.71 0.67 22.87
CA LEU A 390 -8.26 -0.65 22.59
C LEU A 390 -7.22 -1.73 22.37
N ASP A 391 -7.62 -2.97 22.60
CA ASP A 391 -6.76 -4.11 22.37
C ASP A 391 -7.36 -4.97 21.27
N HIS A 392 -6.91 -6.20 21.13
CA HIS A 392 -7.45 -7.04 20.08
C HIS A 392 -8.74 -7.76 20.40
N SER A 393 -9.68 -7.69 19.47
CA SER A 393 -10.95 -8.37 19.61
C SER A 393 -10.65 -9.79 19.13
N SER A 394 -11.40 -10.76 19.62
CA SER A 394 -11.20 -12.11 19.10
C SER A 394 -12.30 -12.38 18.08
N VAL A 395 -13.12 -11.37 17.79
CA VAL A 395 -14.22 -11.54 16.84
C VAL A 395 -13.70 -11.32 15.42
N PRO A 396 -13.64 -12.39 14.59
CA PRO A 396 -13.15 -12.31 13.22
C PRO A 396 -13.58 -11.11 12.37
N GLU A 397 -14.86 -10.76 12.42
CA GLU A 397 -15.29 -9.64 11.58
C GLU A 397 -15.18 -8.25 12.20
N ALA A 398 -14.76 -8.20 13.46
CA ALA A 398 -14.58 -6.91 14.15
C ALA A 398 -13.34 -6.15 13.61
N LEU A 399 -13.34 -4.82 13.72
CA LEU A 399 -12.20 -4.04 13.25
C LEU A 399 -10.92 -4.36 14.09
N MET A 400 -11.06 -4.45 15.41
CA MET A 400 -9.89 -4.70 16.25
C MET A 400 -9.35 -6.17 16.22
N TYR A 401 -9.84 -6.98 15.29
CA TYR A 401 -9.34 -8.35 15.15
C TYR A 401 -7.91 -8.14 14.60
N PRO A 402 -6.92 -8.95 15.06
CA PRO A 402 -5.51 -8.86 14.66
C PRO A 402 -5.20 -9.00 13.17
N MET A 403 -5.79 -10.02 12.54
CA MET A 403 -5.51 -10.28 11.14
C MET A 403 -6.15 -9.35 10.12
N TYR A 404 -5.43 -9.16 9.01
CA TYR A 404 -5.95 -8.31 7.97
C TYR A 404 -6.75 -9.11 7.01
N ARG A 405 -7.94 -8.63 6.70
CA ARG A 405 -8.81 -9.24 5.71
C ARG A 405 -9.56 -8.06 5.11
N PHE A 406 -9.50 -7.94 3.80
CA PHE A 406 -10.16 -6.84 3.12
C PHE A 406 -11.68 -7.00 2.93
N THR A 407 -12.46 -6.02 3.38
CA THR A 407 -13.89 -6.02 3.21
C THR A 407 -14.31 -4.62 2.79
N GLU A 408 -15.41 -4.56 2.04
CA GLU A 408 -15.92 -3.30 1.51
C GLU A 408 -16.83 -2.48 2.43
N GLY A 409 -17.54 -3.13 3.33
CA GLY A 409 -18.45 -2.37 4.17
C GLY A 409 -17.86 -1.46 5.21
N PRO A 410 -18.70 -0.86 6.06
CA PRO A 410 -18.24 0.03 7.12
C PRO A 410 -17.44 -0.91 8.03
N PRO A 411 -16.31 -0.46 8.58
CA PRO A 411 -15.71 -1.53 9.36
C PRO A 411 -16.00 -1.66 10.87
N LEU A 412 -16.55 -0.65 11.54
CA LEU A 412 -16.81 -0.86 12.98
C LEU A 412 -17.90 -1.90 13.21
N HIS A 413 -17.63 -2.83 14.10
CA HIS A 413 -18.57 -3.88 14.46
C HIS A 413 -18.99 -3.65 15.91
N LYS A 414 -20.10 -4.25 16.30
CA LYS A 414 -20.67 -4.20 17.66
C LYS A 414 -19.59 -4.32 18.72
N ASP A 415 -18.72 -5.30 18.57
CA ASP A 415 -17.65 -5.50 19.53
C ASP A 415 -16.73 -4.30 19.65
N ASP A 416 -16.37 -3.70 18.51
CA ASP A 416 -15.49 -2.53 18.55
C ASP A 416 -16.19 -1.42 19.30
N VAL A 417 -17.49 -1.24 19.03
CA VAL A 417 -18.27 -0.20 19.68
C VAL A 417 -18.36 -0.42 21.18
N ASN A 418 -18.59 -1.66 21.60
CA ASN A 418 -18.71 -1.91 23.04
C ASN A 418 -17.39 -1.60 23.73
N GLY A 419 -16.30 -1.94 23.06
CA GLY A 419 -14.98 -1.70 23.58
C GLY A 419 -14.60 -0.23 23.64
N ILE A 420 -14.77 0.53 22.57
CA ILE A 420 -14.39 1.93 22.67
C ILE A 420 -15.34 2.69 23.63
N ARG A 421 -16.59 2.25 23.72
CA ARG A 421 -17.56 2.90 24.60
C ARG A 421 -17.28 2.64 26.10
N HIS A 422 -16.59 1.54 26.39
CA HIS A 422 -16.24 1.21 27.77
C HIS A 422 -15.20 2.20 28.27
N LEU A 423 -14.45 2.76 27.33
CA LEU A 423 -13.42 3.72 27.65
C LEU A 423 -13.88 5.17 27.57
N TYR A 424 -14.78 5.50 26.63
CA TYR A 424 -15.17 6.89 26.46
C TYR A 424 -16.64 7.18 26.47
N GLY A 425 -16.98 8.32 27.07
CA GLY A 425 -18.35 8.77 27.17
C GLY A 425 -19.20 7.91 28.10
ZN ZN B . -3.68 -4.37 16.43
ZN ZN C . 7.16 1.76 15.22
CA CA D . 5.54 -6.28 7.06
CA CA E . 5.52 0.82 0.22
CA CA F . 2.50 11.30 20.79
#